data_6OEI
#
_entry.id   6OEI
#
_cell.length_a   49.664
_cell.length_b   193.108
_cell.length_c   95.842
_cell.angle_alpha   90.000
_cell.angle_beta   90.000
_cell.angle_gamma   90.000
#
_symmetry.space_group_name_H-M   'C 2 2 21'
#
loop_
_entity.id
_entity.type
_entity.pdbx_description
1 polymer 'Spindle pole body component SPC42,Sigma-54-dependent transcriptional regulator'
2 non-polymer (4S)-2-METHYL-2,4-PENTANEDIOL
3 water water
#
_entity_poly.entity_id   1
_entity_poly.type   'polypeptide(L)'
_entity_poly.pdbx_seq_one_letter_code
;GGSGSSKSSRLYDDYYNIPYQYSNPTP(MSE)NRDYNDVGSRINADKLVPEEYKRNTEFINKAVQQNKELNFKLREKQNE
IFELKKIAETLRSKLEKYVDITKKLEDQNLNLQIKISDLEKKLSDANSALKL(MSE)QYIGDAIGTIRDPQELFRTVTDK
LRLLFAFDSAVIITIDRERREASVFFE(MSE)LRFELPEQLRHQTRSIAGTWLEGHLDDRTVTVASIARDIPSFGADGAP
LLWTLHELG(MSE)RQIVLSPLRSGGRVIGFLSFVSAEEKLWSDGDKSLLSGVSSSIAIAVSNALAYEALRQRE
;
_entity_poly.pdbx_strand_id   A
#
loop_
_chem_comp.id
_chem_comp.type
_chem_comp.name
_chem_comp.formula
MPD non-polymer (4S)-2-METHYL-2,4-PENTANEDIOL 'C6 H14 O2'
#
# COMPACT_ATOMS: atom_id res chain seq x y z
N GLU A 54 -0.44 -79.20 66.96
CA GLU A 54 -1.27 -78.95 65.79
C GLU A 54 -1.11 -77.51 65.28
N PHE A 55 -0.95 -76.55 66.20
CA PHE A 55 -0.78 -75.15 65.80
C PHE A 55 0.53 -74.90 65.06
N ILE A 56 1.32 -75.95 64.83
CA ILE A 56 2.54 -75.84 64.04
C ILE A 56 2.28 -76.29 62.60
N ASN A 57 1.39 -77.28 62.44
CA ASN A 57 0.90 -77.63 61.10
C ASN A 57 0.31 -76.40 60.41
N LYS A 58 -0.59 -75.68 61.10
CA LYS A 58 -1.24 -74.52 60.51
C LYS A 58 -0.23 -73.42 60.21
N ALA A 59 0.65 -73.12 61.17
CA ALA A 59 1.55 -71.96 61.07
C ALA A 59 2.44 -72.03 59.84
N VAL A 60 2.86 -73.23 59.42
CA VAL A 60 3.62 -73.37 58.18
C VAL A 60 2.73 -73.43 56.96
N GLN A 61 1.41 -73.64 57.14
CA GLN A 61 0.48 -73.60 56.02
C GLN A 61 -0.18 -72.24 55.84
N GLN A 62 -0.31 -71.44 56.91
CA GLN A 62 -0.66 -70.05 56.69
C GLN A 62 0.56 -69.27 56.21
N ASN A 63 1.75 -69.60 56.72
CA ASN A 63 2.97 -69.08 56.13
C ASN A 63 3.07 -69.46 54.66
N LYS A 64 2.60 -70.67 54.34
CA LYS A 64 2.56 -71.13 52.96
C LYS A 64 1.89 -70.11 52.04
N GLU A 65 0.62 -69.81 52.30
CA GLU A 65 -0.17 -69.02 51.37
C GLU A 65 0.05 -67.51 51.52
N LEU A 66 0.48 -67.06 52.70
CA LEU A 66 0.90 -65.67 52.88
C LEU A 66 1.99 -65.28 51.89
N ASN A 67 3.03 -66.12 51.75
CA ASN A 67 4.05 -65.87 50.74
C ASN A 67 3.45 -65.91 49.34
N PHE A 68 2.37 -66.67 49.16
CA PHE A 68 1.66 -66.70 47.90
C PHE A 68 0.90 -65.39 47.65
N LYS A 69 0.13 -64.92 48.64
CA LYS A 69 -0.55 -63.63 48.50
C LYS A 69 0.46 -62.52 48.23
N LEU A 70 1.57 -62.54 48.96
CA LEU A 70 2.60 -61.54 48.78
C LEU A 70 3.11 -61.51 47.35
N ARG A 71 3.34 -62.67 46.74
CA ARG A 71 3.76 -62.69 45.35
C ARG A 71 2.63 -62.21 44.43
N GLU A 72 1.38 -62.57 44.74
CA GLU A 72 0.26 -62.05 43.96
C GLU A 72 0.19 -60.53 44.03
N LYS A 73 0.31 -59.96 45.25
CA LYS A 73 0.27 -58.52 45.42
C LYS A 73 1.43 -57.84 44.68
N GLN A 74 2.63 -58.42 44.77
CA GLN A 74 3.76 -57.90 44.01
C GLN A 74 3.53 -57.92 42.49
N ASN A 75 2.78 -58.90 41.96
CA ASN A 75 2.50 -58.86 40.54
C ASN A 75 1.48 -57.77 40.20
N GLU A 76 0.54 -57.54 41.10
CA GLU A 76 -0.41 -56.46 40.86
C GLU A 76 0.31 -55.11 40.82
N ILE A 77 1.30 -54.90 41.71
CA ILE A 77 2.10 -53.68 41.69
C ILE A 77 2.81 -53.53 40.35
N PHE A 78 3.38 -54.62 39.85
CA PHE A 78 4.12 -54.58 38.60
C PHE A 78 3.23 -54.18 37.43
N GLU A 79 2.01 -54.74 37.37
CA GLU A 79 1.06 -54.38 36.32
C GLU A 79 0.60 -52.93 36.45
N LEU A 80 0.32 -52.47 37.67
CA LEU A 80 -0.11 -51.09 37.84
C LEU A 80 1.01 -50.12 37.48
N LYS A 81 2.26 -50.48 37.75
CA LYS A 81 3.35 -49.59 37.34
C LYS A 81 3.42 -49.49 35.83
N LYS A 82 3.17 -50.60 35.12
CA LYS A 82 3.14 -50.57 33.66
C LYS A 82 2.05 -49.64 33.15
N ILE A 83 0.79 -49.96 33.44
CA ILE A 83 -0.35 -49.11 33.16
C ILE A 83 -0.04 -47.63 33.38
N ALA A 84 0.51 -47.29 34.56
CA ALA A 84 0.89 -45.91 34.85
C ALA A 84 1.80 -45.35 33.77
N GLU A 85 2.84 -46.10 33.39
CA GLU A 85 3.78 -45.63 32.39
C GLU A 85 3.11 -45.51 31.01
N THR A 86 2.24 -46.47 30.66
CA THR A 86 1.41 -46.31 29.48
C THR A 86 0.69 -44.97 29.51
N LEU A 87 -0.05 -44.69 30.61
CA LEU A 87 -0.75 -43.41 30.71
C LEU A 87 0.22 -42.24 30.64
N ARG A 88 1.38 -42.35 31.28
CA ARG A 88 2.36 -41.26 31.20
C ARG A 88 2.81 -41.03 29.76
N SER A 89 2.94 -42.10 28.98
CA SER A 89 3.28 -41.96 27.57
C SER A 89 2.16 -41.27 26.79
N LYS A 90 0.95 -41.85 26.79
CA LYS A 90 -0.19 -41.21 26.14
C LYS A 90 -0.29 -39.73 26.50
N LEU A 91 -0.04 -39.41 27.77
CA LEU A 91 -0.14 -38.02 28.20
C LEU A 91 0.91 -37.16 27.50
N GLU A 92 2.16 -37.64 27.42
CA GLU A 92 3.21 -36.79 26.84
C GLU A 92 3.02 -36.61 25.33
N LYS A 93 2.44 -37.60 24.64
CA LYS A 93 2.05 -37.41 23.25
C LYS A 93 0.97 -36.33 23.12
N TYR A 94 -0.03 -36.36 24.01
CA TYR A 94 -1.08 -35.34 23.96
C TYR A 94 -0.54 -33.96 24.30
N VAL A 95 0.52 -33.88 25.12
CA VAL A 95 1.14 -32.58 25.36
C VAL A 95 1.75 -32.05 24.08
N ASP A 96 2.37 -32.93 23.29
CA ASP A 96 2.95 -32.52 22.02
C ASP A 96 1.86 -32.14 21.02
N ILE A 97 0.89 -33.02 20.83
CA ILE A 97 -0.26 -32.75 19.96
C ILE A 97 -0.89 -31.40 20.31
N THR A 98 -1.02 -31.10 21.61
CA THR A 98 -1.64 -29.83 21.99
C THR A 98 -0.75 -28.65 21.58
N LYS A 99 0.56 -28.86 21.54
CA LYS A 99 1.46 -27.75 21.23
C LYS A 99 1.41 -27.43 19.75
N LYS A 100 1.46 -28.46 18.90
CA LYS A 100 1.32 -28.24 17.46
C LYS A 100 -0.02 -27.56 17.15
N LEU A 101 -1.12 -28.06 17.74
CA LEU A 101 -2.43 -27.43 17.50
C LEU A 101 -2.44 -25.97 17.92
N GLU A 102 -1.77 -25.63 19.02
CA GLU A 102 -1.74 -24.21 19.40
C GLU A 102 -0.87 -23.41 18.45
N ASP A 103 0.12 -24.09 17.85
CA ASP A 103 0.95 -23.46 16.83
C ASP A 103 0.17 -23.25 15.54
N GLN A 104 -0.46 -24.30 15.00
CA GLN A 104 -1.28 -24.10 13.81
C GLN A 104 -2.32 -23.00 14.03
N ASN A 105 -3.02 -23.00 15.16
CA ASN A 105 -3.92 -21.88 15.49
C ASN A 105 -3.22 -20.54 15.30
N LEU A 106 -1.93 -20.48 15.64
CA LEU A 106 -1.17 -19.23 15.61
C LEU A 106 -0.91 -18.80 14.17
N ASN A 107 -0.30 -19.67 13.38
CA ASN A 107 -0.18 -19.47 11.93
C ASN A 107 -1.51 -19.02 11.31
N LEU A 108 -2.61 -19.72 11.60
CA LEU A 108 -3.90 -19.37 11.01
C LEU A 108 -4.37 -17.99 11.42
N GLN A 109 -4.06 -17.53 12.63
CA GLN A 109 -4.44 -16.15 12.97
C GLN A 109 -3.46 -15.13 12.41
N ILE A 110 -2.23 -15.55 12.13
CA ILE A 110 -1.32 -14.76 11.30
C ILE A 110 -1.92 -14.59 9.91
N LYS A 111 -2.16 -15.72 9.22
CA LYS A 111 -2.75 -15.70 7.88
C LYS A 111 -4.04 -14.87 7.83
N ILE A 112 -4.85 -14.90 8.89
CA ILE A 112 -6.07 -14.08 8.90
C ILE A 112 -5.74 -12.60 8.90
N SER A 113 -4.70 -12.20 9.65
CA SER A 113 -4.40 -10.77 9.76
C SER A 113 -3.73 -10.26 8.48
N ASP A 114 -2.87 -11.07 7.87
CA ASP A 114 -2.44 -10.81 6.50
C ASP A 114 -3.64 -10.54 5.59
N LEU A 115 -4.60 -11.48 5.55
CA LEU A 115 -5.74 -11.36 4.65
C LEU A 115 -6.63 -10.18 5.00
N GLU A 116 -6.80 -9.87 6.28
CA GLU A 116 -7.61 -8.72 6.61
C GLU A 116 -6.92 -7.41 6.20
N LYS A 117 -5.59 -7.40 6.19
CA LYS A 117 -4.86 -6.21 5.78
C LYS A 117 -4.99 -6.00 4.28
N LYS A 118 -4.64 -7.03 3.49
CA LYS A 118 -4.84 -6.95 2.06
C LYS A 118 -6.28 -6.54 1.70
N LEU A 119 -7.27 -7.15 2.36
CA LEU A 119 -8.67 -6.86 2.02
C LEU A 119 -9.02 -5.41 2.33
N SER A 120 -8.43 -4.84 3.38
CA SER A 120 -8.70 -3.44 3.67
C SER A 120 -8.03 -2.54 2.64
N ASP A 121 -6.82 -2.91 2.20
CA ASP A 121 -6.16 -2.20 1.11
C ASP A 121 -7.02 -2.24 -0.16
N ALA A 122 -7.50 -3.44 -0.55
CA ALA A 122 -8.27 -3.57 -1.78
C ALA A 122 -9.56 -2.75 -1.73
N ASN A 123 -10.20 -2.65 -0.57
CA ASN A 123 -11.46 -1.95 -0.44
C ASN A 123 -11.27 -0.43 -0.42
N SER A 124 -10.15 0.04 0.13
CA SER A 124 -9.81 1.46 0.09
C SER A 124 -9.55 1.90 -1.34
N ALA A 125 -8.70 1.16 -2.06
CA ALA A 125 -8.48 1.42 -3.47
C ALA A 125 -9.82 1.54 -4.20
N LEU A 126 -10.71 0.57 -4.01
CA LEU A 126 -12.02 0.60 -4.66
C LEU A 126 -12.78 1.85 -4.28
N LYS A 127 -12.87 2.11 -2.97
CA LYS A 127 -13.60 3.29 -2.52
C LYS A 127 -13.00 4.57 -3.10
N LEU A 128 -11.67 4.70 -3.07
CA LEU A 128 -11.04 5.81 -3.75
C LEU A 128 -11.52 5.90 -5.20
N MSE A 129 -11.56 4.79 -5.91
CA MSE A 129 -11.92 4.82 -7.31
C MSE A 129 -13.37 5.26 -7.48
O MSE A 129 -13.71 5.99 -8.43
CB MSE A 129 -11.68 3.45 -7.94
CG MSE A 129 -10.19 3.07 -8.08
SE MSE A 129 -9.28 4.23 -9.39
CE MSE A 129 -9.89 3.43 -11.08
N GLN A 130 -14.22 4.83 -6.55
CA GLN A 130 -15.61 5.22 -6.59
C GLN A 130 -15.75 6.72 -6.30
N TYR A 131 -15.04 7.22 -5.29
CA TYR A 131 -15.09 8.65 -5.01
C TYR A 131 -14.68 9.48 -6.22
N ILE A 132 -13.54 9.14 -6.85
CA ILE A 132 -13.13 9.87 -8.05
C ILE A 132 -14.23 9.83 -9.09
N GLY A 133 -14.84 8.66 -9.28
CA GLY A 133 -15.85 8.51 -10.31
C GLY A 133 -17.12 9.26 -9.99
N ASP A 134 -17.43 9.35 -8.69
CA ASP A 134 -18.60 10.11 -8.27
C ASP A 134 -18.38 11.60 -8.45
N ALA A 135 -17.22 12.12 -8.06
CA ALA A 135 -16.88 13.51 -8.29
C ALA A 135 -17.02 13.84 -9.77
N ILE A 136 -16.38 13.05 -10.64
CA ILE A 136 -16.47 13.38 -12.07
C ILE A 136 -17.92 13.28 -12.53
N GLY A 137 -18.71 12.43 -11.89
CA GLY A 137 -20.10 12.26 -12.29
C GLY A 137 -21.02 13.39 -11.88
N THR A 138 -20.71 14.06 -10.77
CA THR A 138 -21.64 14.97 -10.14
C THR A 138 -21.20 16.44 -10.11
N ILE A 139 -19.92 16.76 -10.23
CA ILE A 139 -19.43 18.13 -10.11
C ILE A 139 -19.35 18.76 -11.50
N ARG A 140 -20.08 19.85 -11.70
CA ARG A 140 -20.12 20.50 -13.02
C ARG A 140 -18.97 21.48 -13.22
N ASP A 141 -18.53 22.17 -12.18
CA ASP A 141 -17.51 23.19 -12.35
C ASP A 141 -16.14 22.53 -12.43
N PRO A 142 -15.41 22.70 -13.53
CA PRO A 142 -14.10 22.04 -13.65
C PRO A 142 -13.15 22.36 -12.52
N GLN A 143 -13.08 23.63 -12.10
CA GLN A 143 -12.21 23.96 -10.99
C GLN A 143 -12.61 23.23 -9.70
N GLU A 144 -13.92 23.17 -9.41
N GLU A 144 -13.93 23.17 -9.41
CA GLU A 144 -14.34 22.45 -8.20
CA GLU A 144 -14.33 22.46 -8.20
C GLU A 144 -14.09 20.97 -8.34
C GLU A 144 -14.10 20.97 -8.34
N LEU A 145 -14.27 20.43 -9.55
CA LEU A 145 -13.97 19.03 -9.79
C LEU A 145 -12.52 18.73 -9.49
N PHE A 146 -11.59 19.48 -10.09
CA PHE A 146 -10.19 19.09 -9.92
C PHE A 146 -9.66 19.47 -8.54
N ARG A 147 -10.30 20.42 -7.86
CA ARG A 147 -9.98 20.66 -6.45
C ARG A 147 -10.42 19.49 -5.59
N THR A 148 -11.68 19.05 -5.75
CA THR A 148 -12.20 17.92 -4.98
C THR A 148 -11.32 16.68 -5.13
N VAL A 149 -10.96 16.35 -6.37
CA VAL A 149 -10.20 15.12 -6.61
C VAL A 149 -8.80 15.24 -6.06
N THR A 150 -8.11 16.34 -6.36
CA THR A 150 -6.76 16.53 -5.83
C THR A 150 -6.75 16.65 -4.32
N ASP A 151 -7.84 17.16 -3.74
CA ASP A 151 -8.01 17.14 -2.28
C ASP A 151 -7.97 15.72 -1.74
N LYS A 152 -8.82 14.84 -2.27
CA LYS A 152 -8.91 13.49 -1.71
C LYS A 152 -7.57 12.78 -1.81
N LEU A 153 -6.89 12.94 -2.95
CA LEU A 153 -5.55 12.38 -3.12
C LEU A 153 -4.61 12.86 -2.02
N ARG A 154 -4.65 14.15 -1.67
CA ARG A 154 -3.74 14.69 -0.67
C ARG A 154 -3.93 14.05 0.68
N LEU A 155 -5.16 13.68 1.01
CA LEU A 155 -5.47 13.04 2.28
C LEU A 155 -5.23 11.54 2.28
N LEU A 156 -4.36 11.04 1.41
CA LEU A 156 -3.91 9.65 1.55
C LEU A 156 -2.49 9.51 1.01
N PHE A 157 -2.17 10.21 -0.07
CA PHE A 157 -0.80 10.46 -0.47
C PHE A 157 -0.50 11.87 0.02
N ALA A 158 0.31 11.99 1.07
CA ALA A 158 0.53 13.31 1.67
C ALA A 158 1.47 14.15 0.79
N PHE A 159 0.96 15.28 0.29
CA PHE A 159 1.73 16.20 -0.52
C PHE A 159 1.23 17.62 -0.25
N ASP A 160 2.01 18.60 -0.71
CA ASP A 160 1.65 19.99 -0.52
C ASP A 160 0.97 20.57 -1.74
N SER A 161 1.59 20.45 -2.89
CA SER A 161 1.08 21.06 -4.10
C SER A 161 0.79 20.01 -5.15
N ALA A 162 -0.28 20.25 -5.89
CA ALA A 162 -0.66 19.47 -7.04
C ALA A 162 -0.87 20.41 -8.22
N VAL A 163 -0.56 19.91 -9.41
CA VAL A 163 -0.75 20.68 -10.63
C VAL A 163 -1.11 19.70 -11.75
N ILE A 164 -1.95 20.13 -12.67
CA ILE A 164 -2.23 19.37 -13.88
C ILE A 164 -1.72 20.17 -15.06
N ILE A 165 -0.82 19.57 -15.84
CA ILE A 165 -0.24 20.18 -17.03
C ILE A 165 -0.84 19.52 -18.25
N THR A 166 -1.20 20.34 -19.24
CA THR A 166 -1.63 19.82 -20.52
C THR A 166 -0.50 19.99 -21.52
N ILE A 167 -0.43 19.12 -22.53
CA ILE A 167 0.66 19.13 -23.49
C ILE A 167 0.09 19.39 -24.88
N ASP A 168 0.69 20.35 -25.57
CA ASP A 168 0.43 20.58 -26.98
C ASP A 168 1.61 19.95 -27.71
N ARG A 169 1.41 18.71 -28.20
CA ARG A 169 2.54 17.98 -28.76
C ARG A 169 3.04 18.63 -30.05
N GLU A 170 2.15 19.26 -30.81
CA GLU A 170 2.57 19.87 -32.08
C GLU A 170 3.41 21.11 -31.83
N ARG A 171 3.02 21.98 -30.89
CA ARG A 171 3.73 23.22 -30.63
C ARG A 171 4.88 23.06 -29.64
N ARG A 172 5.14 21.85 -29.15
CA ARG A 172 6.19 21.61 -28.16
C ARG A 172 6.05 22.54 -26.96
N GLU A 173 4.82 22.67 -26.45
CA GLU A 173 4.61 23.54 -25.31
C GLU A 173 3.52 22.98 -24.40
N ALA A 174 3.68 23.27 -23.11
CA ALA A 174 2.81 22.82 -22.03
C ALA A 174 2.13 24.00 -21.35
N SER A 175 0.95 23.75 -20.79
CA SER A 175 0.15 24.78 -20.14
C SER A 175 -0.38 24.27 -18.82
N VAL A 176 -0.57 25.19 -17.88
CA VAL A 176 -1.09 24.84 -16.57
C VAL A 176 -2.61 24.79 -16.67
N PHE A 177 -3.15 23.58 -16.53
CA PHE A 177 -4.59 23.36 -16.58
C PHE A 177 -5.23 23.69 -15.24
N PHE A 178 -4.60 23.26 -14.15
CA PHE A 178 -5.14 23.41 -12.82
C PHE A 178 -3.96 23.44 -11.86
N GLU A 179 -4.12 24.17 -10.76
CA GLU A 179 -3.04 24.21 -9.79
C GLU A 179 -3.60 24.35 -8.39
N MSE A 180 -3.00 23.62 -7.46
CA MSE A 180 -3.31 23.72 -6.04
C MSE A 180 -1.99 23.84 -5.26
O MSE A 180 -1.37 22.83 -4.94
CB MSE A 180 -4.12 22.54 -5.57
CG MSE A 180 -4.94 22.80 -4.34
SE MSE A 180 -6.07 21.26 -3.95
CE MSE A 180 -4.71 20.07 -3.20
N LEU A 181 -1.57 25.06 -4.97
CA LEU A 181 -0.30 25.32 -4.30
C LEU A 181 -0.55 25.70 -2.84
N ARG A 182 0.20 25.07 -1.95
CA ARG A 182 0.27 25.45 -0.54
C ARG A 182 1.41 26.43 -0.26
N PHE A 183 1.77 27.26 -1.23
CA PHE A 183 2.84 28.22 -1.05
C PHE A 183 2.80 29.21 -2.20
N GLU A 184 3.28 30.43 -1.93
CA GLU A 184 3.40 31.44 -2.97
C GLU A 184 4.69 31.21 -3.75
N LEU A 185 4.62 31.39 -5.05
CA LEU A 185 5.77 31.13 -5.91
C LEU A 185 6.20 32.41 -6.61
N PRO A 186 7.51 32.60 -6.84
CA PRO A 186 7.98 33.82 -7.50
C PRO A 186 7.24 34.12 -8.79
N GLU A 187 6.97 35.42 -9.01
CA GLU A 187 6.36 35.87 -10.26
C GLU A 187 7.14 35.33 -11.47
N GLN A 188 8.46 35.25 -11.34
CA GLN A 188 9.35 34.90 -12.45
C GLN A 188 9.26 33.43 -12.85
N LEU A 189 8.53 32.61 -12.10
CA LEU A 189 8.37 31.19 -12.43
C LEU A 189 6.93 30.81 -12.77
N ARG A 190 6.01 31.77 -12.81
CA ARG A 190 4.59 31.50 -13.05
C ARG A 190 4.27 31.74 -14.52
N HIS A 191 4.69 30.79 -15.34
CA HIS A 191 4.32 30.78 -16.76
C HIS A 191 3.14 29.85 -16.92
N GLN A 192 2.02 30.41 -17.39
CA GLN A 192 0.85 29.56 -17.63
C GLN A 192 1.03 28.73 -18.90
N THR A 193 1.87 29.18 -19.82
CA THR A 193 2.30 28.39 -20.98
C THR A 193 3.80 28.57 -21.15
N ARG A 194 4.47 27.54 -21.64
CA ARG A 194 5.92 27.55 -21.76
C ARG A 194 6.31 26.48 -22.77
N SER A 195 7.50 26.63 -23.36
CA SER A 195 7.95 25.67 -24.34
C SER A 195 8.41 24.37 -23.67
N ILE A 196 8.38 23.29 -24.43
CA ILE A 196 8.75 21.98 -23.92
C ILE A 196 10.06 21.46 -24.51
N ALA A 197 10.39 21.82 -25.75
CA ALA A 197 11.56 21.32 -26.48
C ALA A 197 12.80 21.27 -25.60
N GLY A 198 13.34 20.06 -25.40
CA GLY A 198 14.54 19.89 -24.61
C GLY A 198 14.34 19.77 -23.11
N THR A 199 13.10 19.77 -22.61
CA THR A 199 12.82 19.56 -21.19
C THR A 199 12.76 18.06 -20.90
N TRP A 200 12.81 17.70 -19.62
CA TRP A 200 12.40 16.36 -19.21
C TRP A 200 11.03 16.03 -19.76
N LEU A 201 10.11 17.01 -19.75
CA LEU A 201 8.78 16.80 -20.29
C LEU A 201 8.85 16.29 -21.72
N GLU A 202 9.58 17.01 -22.58
CA GLU A 202 9.84 16.51 -23.92
C GLU A 202 10.34 15.08 -23.88
N GLY A 203 11.25 14.79 -22.95
CA GLY A 203 11.85 13.47 -22.82
C GLY A 203 10.87 12.42 -22.38
N HIS A 204 10.19 12.64 -21.25
CA HIS A 204 9.24 11.68 -20.72
C HIS A 204 7.81 11.93 -21.21
N LEU A 205 7.67 12.46 -22.42
CA LEU A 205 6.35 12.77 -22.99
C LEU A 205 5.57 11.54 -23.37
N ASP A 206 6.11 10.34 -23.14
CA ASP A 206 5.35 9.15 -23.51
C ASP A 206 5.39 8.08 -22.44
N ASP A 207 5.69 8.44 -21.20
CA ASP A 207 5.78 7.46 -20.14
C ASP A 207 4.46 6.70 -19.96
N ARG A 208 4.58 5.51 -19.39
CA ARG A 208 3.43 4.77 -18.92
C ARG A 208 3.49 4.44 -17.43
N THR A 209 4.60 4.73 -16.76
CA THR A 209 4.75 4.54 -15.33
C THR A 209 4.81 5.88 -14.61
N VAL A 210 4.57 5.84 -13.29
CA VAL A 210 4.67 7.02 -12.43
C VAL A 210 6.13 7.25 -12.09
N THR A 211 6.55 8.52 -12.07
CA THR A 211 7.93 8.89 -11.77
C THR A 211 7.98 9.51 -10.38
N VAL A 212 8.82 8.95 -9.51
CA VAL A 212 9.00 9.45 -8.15
C VAL A 212 10.47 9.82 -8.01
N ALA A 213 10.74 11.08 -7.68
CA ALA A 213 12.11 11.56 -7.70
C ALA A 213 12.33 12.50 -6.51
N SER A 214 13.53 12.42 -5.93
CA SER A 214 13.87 13.24 -4.78
C SER A 214 14.49 14.55 -5.24
N ILE A 215 14.07 15.64 -4.62
CA ILE A 215 14.72 16.92 -4.85
C ILE A 215 16.03 16.94 -4.07
N ALA A 216 17.07 17.48 -4.71
CA ALA A 216 18.46 17.56 -4.25
C ALA A 216 19.24 16.29 -4.59
N ARG A 217 18.56 15.19 -4.93
CA ARG A 217 19.24 13.95 -5.30
C ARG A 217 19.04 13.53 -6.74
N ASP A 218 17.87 13.80 -7.33
CA ASP A 218 17.61 13.50 -8.74
C ASP A 218 17.45 14.76 -9.57
N ILE A 219 17.84 15.93 -9.04
CA ILE A 219 17.70 17.18 -9.80
C ILE A 219 18.44 17.13 -11.12
N PRO A 220 19.71 16.67 -11.19
CA PRO A 220 20.38 16.57 -12.50
C PRO A 220 19.62 15.71 -13.50
N SER A 221 18.75 14.81 -13.06
CA SER A 221 18.01 13.96 -13.99
C SER A 221 16.94 14.72 -14.76
N PHE A 222 16.69 15.99 -14.42
CA PHE A 222 15.70 16.81 -15.11
C PHE A 222 16.35 17.91 -15.95
N GLY A 223 17.67 17.86 -16.13
CA GLY A 223 18.36 18.77 -17.03
C GLY A 223 18.50 20.17 -16.46
N ALA A 224 19.31 21.01 -17.12
CA ALA A 224 19.57 22.36 -16.61
C ALA A 224 18.31 23.21 -16.59
N ASP A 225 17.45 23.06 -17.60
CA ASP A 225 16.16 23.73 -17.58
C ASP A 225 15.33 23.24 -16.39
N GLY A 226 14.60 24.16 -15.78
CA GLY A 226 13.75 23.83 -14.65
C GLY A 226 14.48 23.49 -13.37
N ALA A 227 15.80 23.23 -13.43
CA ALA A 227 16.64 23.17 -12.24
C ALA A 227 16.52 24.46 -11.44
N PRO A 228 16.28 25.63 -12.05
CA PRO A 228 15.89 26.79 -11.24
C PRO A 228 14.62 26.58 -10.45
N LEU A 229 13.65 25.84 -10.99
CA LEU A 229 12.41 25.61 -10.23
C LEU A 229 12.59 24.54 -9.17
N LEU A 230 13.13 23.37 -9.55
CA LEU A 230 13.36 22.29 -8.60
C LEU A 230 14.11 22.78 -7.37
N TRP A 231 15.22 23.51 -7.56
CA TRP A 231 15.97 24.00 -6.41
C TRP A 231 15.24 25.13 -5.68
N THR A 232 14.39 25.90 -6.36
CA THR A 232 13.49 26.80 -5.64
C THR A 232 12.59 26.01 -4.70
N LEU A 233 11.98 24.93 -5.22
CA LEU A 233 11.12 24.10 -4.40
C LEU A 233 11.88 23.52 -3.21
N HIS A 234 13.14 23.14 -3.44
CA HIS A 234 13.99 22.70 -2.34
C HIS A 234 14.11 23.78 -1.28
N GLU A 235 14.25 25.05 -1.70
CA GLU A 235 14.35 26.14 -0.73
C GLU A 235 13.03 26.35 0.03
N LEU A 236 11.90 25.99 -0.55
CA LEU A 236 10.64 26.06 0.17
C LEU A 236 10.36 24.82 1.00
N GLY A 237 11.34 23.92 1.15
CA GLY A 237 11.18 22.75 1.98
C GLY A 237 10.71 21.51 1.27
N MSE A 238 10.63 21.52 -0.05
CA MSE A 238 10.18 20.38 -0.84
C MSE A 238 11.29 19.33 -1.01
O MSE A 238 12.43 19.66 -1.35
CB MSE A 238 9.69 20.87 -2.21
CG MSE A 238 8.16 20.85 -2.41
SE MSE A 238 6.99 21.04 -0.83
CE MSE A 238 6.73 22.96 -0.83
N ARG A 239 10.96 18.06 -0.76
CA ARG A 239 11.91 16.97 -0.89
C ARG A 239 11.55 15.94 -1.94
N GLN A 240 10.28 15.83 -2.33
CA GLN A 240 9.88 14.80 -3.30
C GLN A 240 8.94 15.37 -4.34
N ILE A 241 9.10 14.88 -5.57
CA ILE A 241 8.20 15.20 -6.67
C ILE A 241 7.72 13.89 -7.30
N VAL A 242 6.42 13.80 -7.57
CA VAL A 242 5.81 12.67 -8.25
C VAL A 242 5.18 13.16 -9.56
N LEU A 243 5.42 12.42 -10.65
CA LEU A 243 4.82 12.73 -11.95
C LEU A 243 4.02 11.54 -12.46
N SER A 244 2.85 11.81 -13.01
CA SER A 244 2.00 10.73 -13.47
C SER A 244 1.40 11.12 -14.81
N PRO A 245 1.78 10.42 -15.87
CA PRO A 245 1.24 10.74 -17.20
C PRO A 245 -0.28 10.60 -17.27
N LEU A 246 -0.90 11.49 -18.04
CA LEU A 246 -2.34 11.46 -18.32
C LEU A 246 -2.53 11.07 -19.77
N ARG A 247 -2.97 9.82 -20.01
CA ARG A 247 -3.20 9.26 -21.34
C ARG A 247 -4.69 9.15 -21.57
N SER A 248 -5.16 9.59 -22.75
CA SER A 248 -6.59 9.51 -23.03
C SER A 248 -6.90 9.03 -24.46
N GLY A 249 -6.23 9.57 -25.46
CA GLY A 249 -6.59 9.06 -26.76
C GLY A 249 -5.92 7.71 -26.91
N GLY A 250 -4.67 7.79 -27.33
CA GLY A 250 -3.70 6.75 -27.13
C GLY A 250 -2.45 7.56 -26.90
N ARG A 251 -2.64 8.86 -26.66
CA ARG A 251 -1.53 9.77 -26.42
C ARG A 251 -1.53 10.30 -25.00
N VAL A 252 -0.35 10.77 -24.59
CA VAL A 252 -0.20 11.54 -23.36
C VAL A 252 -0.73 12.94 -23.60
N ILE A 253 -1.91 13.24 -23.06
CA ILE A 253 -2.46 14.59 -23.13
C ILE A 253 -2.01 15.49 -21.98
N GLY A 254 -1.29 14.96 -20.99
CA GLY A 254 -0.78 15.83 -19.94
C GLY A 254 -0.15 15.06 -18.79
N PHE A 255 0.05 15.78 -17.69
CA PHE A 255 0.74 15.24 -16.54
C PHE A 255 0.10 15.73 -15.25
N LEU A 256 -0.11 14.81 -14.32
CA LEU A 256 -0.49 15.12 -12.95
C LEU A 256 0.78 15.11 -12.10
N SER A 257 0.98 16.18 -11.30
CA SER A 257 2.25 16.34 -10.59
C SER A 257 2.03 16.82 -9.15
N PHE A 258 2.78 16.23 -8.21
CA PHE A 258 2.70 16.52 -6.79
C PHE A 258 4.09 16.74 -6.19
N VAL A 259 4.17 17.64 -5.21
CA VAL A 259 5.40 17.83 -4.44
C VAL A 259 5.09 17.68 -2.96
N SER A 260 5.97 16.99 -2.25
CA SER A 260 5.80 16.73 -0.83
C SER A 260 7.00 17.24 -0.04
N ALA A 261 6.72 17.63 1.20
CA ALA A 261 7.77 18.05 2.11
C ALA A 261 8.66 16.89 2.54
N GLU A 262 8.11 15.69 2.62
CA GLU A 262 8.87 14.52 3.06
C GLU A 262 8.84 13.45 1.98
N GLU A 263 9.97 12.77 1.82
CA GLU A 263 10.09 11.67 0.87
C GLU A 263 9.24 10.49 1.32
N LYS A 264 8.18 10.20 0.58
CA LYS A 264 7.41 8.98 0.81
C LYS A 264 8.09 7.81 0.10
N LEU A 265 8.03 6.64 0.73
CA LEU A 265 8.47 5.41 0.05
C LEU A 265 7.27 4.87 -0.73
N TRP A 266 7.38 4.87 -2.06
CA TRP A 266 6.26 4.56 -2.95
C TRP A 266 6.30 3.09 -3.33
N SER A 267 5.31 2.33 -2.88
CA SER A 267 5.24 0.92 -3.18
C SER A 267 4.71 0.71 -4.59
N ASP A 268 4.99 -0.47 -5.14
CA ASP A 268 4.36 -0.82 -6.42
C ASP A 268 2.85 -0.73 -6.31
N GLY A 269 2.29 -1.09 -5.15
CA GLY A 269 0.87 -0.94 -4.97
C GLY A 269 0.43 0.52 -5.04
N ASP A 270 1.18 1.40 -4.36
CA ASP A 270 0.86 2.82 -4.39
C ASP A 270 0.89 3.35 -5.82
N LYS A 271 1.95 3.02 -6.58
CA LYS A 271 2.07 3.56 -7.93
C LYS A 271 0.94 3.07 -8.82
N SER A 272 0.57 1.80 -8.70
CA SER A 272 -0.52 1.27 -9.50
C SER A 272 -1.83 1.97 -9.18
N LEU A 273 -2.05 2.34 -7.93
CA LEU A 273 -3.27 3.02 -7.55
C LEU A 273 -3.29 4.42 -8.15
N LEU A 274 -2.19 5.16 -7.97
CA LEU A 274 -2.08 6.46 -8.59
C LEU A 274 -2.27 6.37 -10.10
N SER A 275 -1.62 5.40 -10.73
CA SER A 275 -1.82 5.26 -12.16
C SER A 275 -3.29 5.03 -12.48
N GLY A 276 -3.98 4.27 -11.63
CA GLY A 276 -5.41 4.03 -11.87
C GLY A 276 -6.23 5.28 -11.71
N VAL A 277 -5.97 6.05 -10.66
CA VAL A 277 -6.65 7.32 -10.44
C VAL A 277 -6.37 8.29 -11.59
N SER A 278 -5.12 8.36 -12.06
CA SER A 278 -4.79 9.24 -13.17
C SER A 278 -5.53 8.88 -14.45
N SER A 279 -5.89 7.61 -14.64
CA SER A 279 -6.72 7.26 -15.79
C SER A 279 -8.03 8.03 -15.77
N SER A 280 -8.77 7.97 -14.64
CA SER A 280 -10.03 8.71 -14.53
C SER A 280 -9.83 10.21 -14.69
N ILE A 281 -8.83 10.78 -14.04
CA ILE A 281 -8.57 12.22 -14.19
C ILE A 281 -8.21 12.57 -15.62
N ALA A 282 -7.46 11.69 -16.30
CA ALA A 282 -7.05 11.99 -17.67
C ALA A 282 -8.25 12.24 -18.56
N ILE A 283 -9.29 11.40 -18.46
CA ILE A 283 -10.42 11.53 -19.38
C ILE A 283 -11.32 12.70 -18.98
N ALA A 284 -11.41 13.00 -17.67
CA ALA A 284 -12.09 14.23 -17.25
C ALA A 284 -11.37 15.48 -17.76
N VAL A 285 -10.05 15.46 -17.74
CA VAL A 285 -9.29 16.58 -18.32
C VAL A 285 -9.58 16.70 -19.81
N SER A 286 -9.43 15.60 -20.55
CA SER A 286 -9.78 15.59 -21.97
C SER A 286 -11.19 16.13 -22.21
N ASN A 287 -12.13 15.76 -21.33
CA ASN A 287 -13.50 16.22 -21.49
C ASN A 287 -13.65 17.70 -21.18
N ALA A 288 -12.93 18.21 -20.16
CA ALA A 288 -13.01 19.64 -19.88
C ALA A 288 -12.41 20.44 -21.02
N LEU A 289 -11.28 19.98 -21.57
CA LEU A 289 -10.64 20.70 -22.67
C LEU A 289 -11.58 20.79 -23.86
N ALA A 290 -12.36 19.73 -24.10
CA ALA A 290 -13.27 19.73 -25.24
C ALA A 290 -14.41 20.69 -25.03
N TYR A 291 -15.07 20.60 -23.87
CA TYR A 291 -16.15 21.53 -23.58
C TYR A 291 -15.63 22.95 -23.48
N GLU A 292 -14.37 23.14 -23.10
CA GLU A 292 -13.81 24.48 -23.13
C GLU A 292 -13.66 24.98 -24.56
N ALA A 293 -13.26 24.10 -25.47
CA ALA A 293 -13.15 24.50 -26.87
C ALA A 293 -14.50 24.90 -27.42
N LEU A 294 -15.49 24.00 -27.31
CA LEU A 294 -16.85 24.29 -27.75
C LEU A 294 -17.37 25.62 -27.21
N ARG A 295 -17.11 25.90 -25.93
CA ARG A 295 -17.70 27.08 -25.30
C ARG A 295 -17.23 28.37 -25.95
N GLN A 296 -15.98 28.43 -26.41
CA GLN A 296 -15.47 29.65 -27.06
C GLN A 296 -16.20 29.90 -28.38
C1 MPD B . -15.57 20.19 -17.15
C2 MPD B . -16.38 19.16 -16.36
O2 MPD B . -15.98 17.82 -16.77
CM MPD B . -16.08 19.34 -14.88
C3 MPD B . -17.88 19.41 -16.57
C4 MPD B . -18.40 18.98 -17.94
O4 MPD B . -19.54 18.18 -17.74
C5 MPD B . -18.80 20.16 -18.82
C1 MPD C . -4.85 0.19 -11.50
C2 MPD C . -5.96 0.12 -10.44
O2 MPD C . -5.66 1.09 -9.41
CM MPD C . -7.30 0.52 -11.05
C3 MPD C . -6.03 -1.30 -9.85
C4 MPD C . -4.72 -1.73 -9.21
O4 MPD C . -4.54 -1.13 -7.94
C5 MPD C . -4.64 -3.25 -9.07
#